data_6MP8
#
_entry.id   6MP8
#
_cell.length_a   79.957
_cell.length_b   67.039
_cell.length_c   62.130
_cell.angle_alpha   90.000
_cell.angle_beta   108.150
_cell.angle_gamma   90.000
#
_symmetry.space_group_name_H-M   'C 1 2 1'
#
loop_
_entity.id
_entity.type
_entity.pdbx_description
1 polymer 'Alpha-ketoglutarate-dependent L-arginine hydroxylase'
2 non-polymer '2-OXOGLUTARIC ACID'
3 non-polymer 'FE (II) ION'
4 non-polymer D-ARGININE
5 water water
#
_entity_poly.entity_id   1
_entity_poly.type   'polypeptide(L)'
_entity_poly.pdbx_seq_one_letter_code
;VRPWSEFRLTPAEAAAAAALAARCAQRYDETDGPEFLLDAPVIAHELPRRLRTFMARARLDAWPHALVVRGNPVDDAALG
STPVHWRTARTPGSRPLSFLLMLYAGLLGDVFGWATQQDGRVVTDVLPIKGGEHTLVSSSSRQELGWHTEDAFSPYRADY
VGLLSLRNPDGVATTLAGVPLDDLDERTLDVLFQERFLIRPDDSHLQVNNSTAQQGRVEFEGIAQAADRPEPVAILTGHR
AAPHLRVDGDFSAPAEGDEEAAAALGTLRKLIDASLYELVLDQGDVAFIDNRRAVHGRRAFQPRYDGRDRWLKRINITRD
LHRSRKAWAGDSRVLGQR
;
_entity_poly.pdbx_strand_id   A
#
# COMPACT_ATOMS: atom_id res chain seq x y z
N VAL A 1 -18.26 4.15 14.43
CA VAL A 1 -17.83 3.29 13.27
C VAL A 1 -16.39 3.60 12.84
N ARG A 2 -15.89 2.82 11.88
CA ARG A 2 -14.58 3.08 11.28
C ARG A 2 -14.67 2.92 9.77
N PRO A 3 -13.93 3.76 9.01
CA PRO A 3 -14.00 3.68 7.54
C PRO A 3 -13.19 2.53 6.91
N TRP A 4 -12.59 1.66 7.73
CA TRP A 4 -11.91 0.47 7.24
C TRP A 4 -12.50 -0.77 7.89
N SER A 5 -12.26 -1.93 7.27
CA SER A 5 -12.76 -3.20 7.79
C SER A 5 -11.64 -3.88 8.58
N GLU A 6 -11.94 -4.29 9.81
CA GLU A 6 -10.92 -4.75 10.74
C GLU A 6 -11.15 -6.18 11.24
N PHE A 7 -10.06 -6.95 11.31
CA PHE A 7 -10.06 -8.32 11.79
C PHE A 7 -8.94 -8.45 12.82
N ARG A 8 -9.23 -9.13 13.94
CA ARG A 8 -8.19 -9.42 14.92
C ARG A 8 -7.99 -10.93 15.06
N LEU A 9 -6.77 -11.37 14.80
CA LEU A 9 -6.40 -12.76 14.95
C LEU A 9 -6.40 -13.16 16.42
N THR A 10 -6.87 -14.36 16.71
CA THR A 10 -6.66 -14.96 18.03
C THR A 10 -5.20 -15.38 18.09
N PRO A 11 -4.63 -15.49 19.30
CA PRO A 11 -3.26 -15.98 19.43
C PRO A 11 -3.00 -17.31 18.70
N ALA A 12 -3.98 -18.21 18.72
CA ALA A 12 -3.86 -19.50 18.04
C ALA A 12 -3.81 -19.35 16.52
N GLU A 13 -4.73 -18.56 15.98
CA GLU A 13 -4.75 -18.22 14.55
C GLU A 13 -3.47 -17.54 14.11
N ALA A 14 -3.01 -16.58 14.90
CA ALA A 14 -1.78 -15.84 14.62
C ALA A 14 -0.59 -16.80 14.59
N ALA A 15 -0.52 -17.69 15.58
CA ALA A 15 0.54 -18.69 15.67
C ALA A 15 0.56 -19.63 14.46
N ALA A 16 -0.61 -20.08 14.03
CA ALA A 16 -0.72 -20.97 12.87
C ALA A 16 -0.26 -20.27 11.58
N ALA A 17 -0.68 -19.02 11.40
CA ALA A 17 -0.27 -18.24 10.24
C ALA A 17 1.24 -18.04 10.23
N ALA A 18 1.78 -17.65 11.39
CA ALA A 18 3.23 -17.49 11.55
C ALA A 18 3.99 -18.79 11.28
N ALA A 19 3.44 -19.90 11.76
CA ALA A 19 4.04 -21.23 11.54
C ALA A 19 4.10 -21.57 10.06
N LEU A 20 3.01 -21.29 9.34
CA LEU A 20 2.94 -21.50 7.90
C LEU A 20 3.98 -20.65 7.17
N ALA A 21 4.08 -19.38 7.53
CA ALA A 21 5.10 -18.49 6.98
C ALA A 21 6.52 -19.01 7.19
N ALA A 22 6.78 -19.54 8.38
CA ALA A 22 8.09 -20.12 8.71
C ALA A 22 8.43 -21.33 7.85
N ARG A 23 7.43 -22.19 7.59
CA ARG A 23 7.59 -23.33 6.69
C ARG A 23 8.01 -22.88 5.29
N CYS A 24 7.31 -21.87 4.78
CA CYS A 24 7.64 -21.28 3.48
C CYS A 24 9.06 -20.74 3.44
N ALA A 25 9.45 -20.04 4.50
CA ALA A 25 10.80 -19.49 4.61
C ALA A 25 11.86 -20.60 4.60
N GLN A 26 11.50 -21.75 5.19
CA GLN A 26 12.35 -22.93 5.22
C GLN A 26 12.50 -23.57 3.83
N ARG A 27 11.41 -23.64 3.07
CA ARG A 27 11.38 -24.39 1.81
C ARG A 27 11.79 -23.57 0.57
N TYR A 28 11.55 -22.26 0.59
CA TYR A 28 11.89 -21.41 -0.55
C TYR A 28 13.06 -20.50 -0.21
N ASP A 29 13.85 -20.14 -1.23
CA ASP A 29 15.01 -19.28 -1.03
C ASP A 29 14.65 -17.82 -0.78
N GLU A 30 13.71 -17.29 -1.56
CA GLU A 30 13.29 -15.89 -1.44
C GLU A 30 11.81 -15.70 -1.81
N THR A 31 11.23 -14.62 -1.29
CA THR A 31 9.82 -14.29 -1.55
C THR A 31 9.58 -13.94 -3.02
N ASP A 32 10.58 -13.33 -3.66
CA ASP A 32 10.45 -12.82 -5.02
C ASP A 32 10.87 -13.83 -6.10
N GLY A 33 11.27 -15.03 -5.68
CA GLY A 33 11.64 -16.07 -6.65
C GLY A 33 10.44 -16.51 -7.46
N PRO A 34 10.68 -17.01 -8.69
CA PRO A 34 9.56 -17.43 -9.54
C PRO A 34 8.70 -18.53 -8.89
N GLU A 35 9.34 -19.37 -8.09
CA GLU A 35 8.67 -20.51 -7.46
C GLU A 35 7.65 -20.04 -6.45
N PHE A 36 8.09 -19.31 -5.44
CA PHE A 36 7.18 -18.87 -4.38
C PHE A 36 6.12 -17.89 -4.88
N LEU A 37 6.46 -17.10 -5.89
CA LEU A 37 5.49 -16.18 -6.52
C LEU A 37 4.27 -16.96 -7.01
N LEU A 38 4.51 -18.08 -7.68
CA LEU A 38 3.43 -18.91 -8.23
C LEU A 38 2.69 -19.75 -7.18
N ASP A 39 3.42 -20.24 -6.16
CA ASP A 39 2.85 -21.14 -5.15
C ASP A 39 2.13 -20.44 -4.00
N ALA A 40 2.58 -19.24 -3.64
CA ALA A 40 2.05 -18.52 -2.48
C ALA A 40 0.51 -18.41 -2.44
N PRO A 41 -0.12 -18.06 -3.57
CA PRO A 41 -1.59 -17.97 -3.57
C PRO A 41 -2.29 -19.30 -3.21
N VAL A 42 -1.68 -20.43 -3.57
CA VAL A 42 -2.21 -21.74 -3.24
C VAL A 42 -1.87 -22.10 -1.79
N ILE A 43 -0.64 -21.81 -1.37
CA ILE A 43 -0.22 -22.07 0.01
C ILE A 43 -1.10 -21.27 0.97
N ALA A 44 -1.51 -20.07 0.57
CA ALA A 44 -2.35 -19.20 1.39
C ALA A 44 -3.69 -19.83 1.74
N HIS A 45 -4.15 -20.79 0.93
CA HIS A 45 -5.38 -21.54 1.23
C HIS A 45 -5.30 -22.34 2.53
N GLU A 46 -4.09 -22.53 3.06
CA GLU A 46 -3.86 -23.25 4.32
C GLU A 46 -3.92 -22.34 5.54
N LEU A 47 -4.04 -21.02 5.32
CA LEU A 47 -4.19 -20.07 6.42
C LEU A 47 -5.47 -20.35 7.22
N PRO A 48 -5.56 -19.82 8.46
CA PRO A 48 -6.76 -19.98 9.28
C PRO A 48 -8.06 -19.62 8.56
N ARG A 49 -9.06 -20.47 8.67
CA ARG A 49 -10.28 -20.33 7.88
C ARG A 49 -11.03 -19.03 8.16
N ARG A 50 -11.08 -18.60 9.42
CA ARG A 50 -11.78 -17.35 9.76
C ARG A 50 -11.11 -16.17 9.04
N LEU A 51 -9.78 -16.17 8.95
CA LEU A 51 -9.07 -15.12 8.21
C LEU A 51 -9.42 -15.15 6.72
N ARG A 52 -9.43 -16.34 6.13
CA ARG A 52 -9.73 -16.48 4.71
C ARG A 52 -11.15 -16.01 4.40
N THR A 53 -12.08 -16.31 5.31
CA THR A 53 -13.46 -15.84 5.19
C THR A 53 -13.51 -14.30 5.25
N PHE A 54 -12.77 -13.71 6.19
CA PHE A 54 -12.72 -12.24 6.29
C PHE A 54 -12.20 -11.59 4.99
N MET A 55 -11.10 -12.13 4.47
CA MET A 55 -10.47 -11.57 3.28
C MET A 55 -11.34 -11.73 2.04
N ALA A 56 -12.03 -12.86 1.92
CA ALA A 56 -12.91 -13.11 0.78
C ALA A 56 -14.16 -12.22 0.83
N ARG A 57 -14.74 -12.04 2.01
CA ARG A 57 -15.96 -11.23 2.19
C ARG A 57 -15.70 -9.73 2.22
N ALA A 58 -14.68 -9.31 2.96
CA ALA A 58 -14.40 -7.88 3.12
C ALA A 58 -14.00 -7.21 1.80
N ARG A 59 -13.26 -7.94 0.97
CA ARG A 59 -12.88 -7.47 -0.37
C ARG A 59 -14.10 -7.10 -1.22
N LEU A 60 -15.22 -7.79 -1.01
CA LEU A 60 -16.44 -7.56 -1.80
C LEU A 60 -17.43 -6.55 -1.19
N ASP A 61 -17.17 -6.08 0.02
CA ASP A 61 -17.93 -4.95 0.56
C ASP A 61 -17.63 -3.70 -0.24
N ALA A 62 -18.61 -2.80 -0.35
CA ALA A 62 -18.47 -1.60 -1.16
C ALA A 62 -17.77 -0.45 -0.45
N TRP A 63 -17.77 -0.45 0.88
CA TRP A 63 -17.44 0.76 1.68
C TRP A 63 -15.99 0.95 2.18
N PRO A 64 -15.28 -0.13 2.57
CA PRO A 64 -14.03 0.13 3.31
C PRO A 64 -12.86 0.68 2.49
N HIS A 65 -12.06 1.56 3.11
CA HIS A 65 -10.87 2.13 2.48
C HIS A 65 -9.68 1.18 2.57
N ALA A 66 -9.73 0.25 3.53
CA ALA A 66 -8.67 -0.73 3.71
C ALA A 66 -9.15 -1.95 4.47
N LEU A 67 -8.40 -3.04 4.36
CA LEU A 67 -8.62 -4.25 5.16
C LEU A 67 -7.47 -4.36 6.13
N VAL A 68 -7.78 -4.34 7.43
CA VAL A 68 -6.75 -4.32 8.46
C VAL A 68 -6.78 -5.62 9.28
N VAL A 69 -5.62 -6.25 9.42
CA VAL A 69 -5.47 -7.48 10.20
C VAL A 69 -4.52 -7.23 11.37
N ARG A 70 -5.04 -7.31 12.59
CA ARG A 70 -4.28 -7.08 13.82
C ARG A 70 -3.83 -8.41 14.46
N GLY A 71 -2.74 -8.34 15.22
CA GLY A 71 -2.38 -9.41 16.14
C GLY A 71 -1.35 -10.43 15.71
N ASN A 72 -0.53 -10.12 14.70
CA ASN A 72 0.56 -11.02 14.33
C ASN A 72 1.72 -10.79 15.29
N PRO A 73 2.22 -11.85 15.95
CA PRO A 73 3.32 -11.64 16.89
C PRO A 73 4.63 -11.30 16.19
N VAL A 74 5.38 -10.38 16.77
CA VAL A 74 6.69 -9.99 16.27
C VAL A 74 7.63 -9.86 17.47
N ASP A 75 8.73 -10.61 17.44
CA ASP A 75 9.71 -10.59 18.52
C ASP A 75 10.87 -9.66 18.14
N ASP A 76 10.98 -8.51 18.81
CA ASP A 76 12.02 -7.53 18.49
C ASP A 76 13.44 -8.09 18.57
N ALA A 77 13.67 -9.02 19.50
CA ALA A 77 14.97 -9.67 19.65
C ALA A 77 15.30 -10.57 18.44
N ALA A 78 14.32 -11.34 18.00
CA ALA A 78 14.48 -12.19 16.82
C ALA A 78 14.52 -11.37 15.54
N LEU A 79 13.75 -10.27 15.52
CA LEU A 79 13.70 -9.40 14.34
C LEU A 79 15.05 -8.70 14.08
N GLY A 80 15.69 -8.21 15.13
CA GLY A 80 16.95 -7.48 15.00
C GLY A 80 16.73 -6.01 14.69
N SER A 81 17.83 -5.27 14.57
CA SER A 81 17.76 -3.82 14.39
C SER A 81 17.15 -3.43 13.04
N THR A 82 16.49 -2.27 13.01
CA THR A 82 15.97 -1.73 11.78
C THR A 82 17.13 -1.38 10.86
N PRO A 83 17.10 -1.85 9.61
CA PRO A 83 18.17 -1.54 8.65
C PRO A 83 18.31 -0.04 8.35
N VAL A 84 19.52 0.37 7.98
CA VAL A 84 19.78 1.78 7.67
C VAL A 84 19.38 2.18 6.25
N HIS A 85 19.16 1.19 5.38
CA HIS A 85 18.81 1.41 3.98
C HIS A 85 17.99 0.19 3.51
N TRP A 86 17.14 0.36 2.50
CA TRP A 86 16.36 -0.76 1.96
C TRP A 86 17.20 -1.88 1.31
N ARG A 87 18.38 -1.52 0.80
N ARG A 87 18.39 -1.53 0.80
CA ARG A 87 19.28 -2.46 0.12
CA ARG A 87 19.26 -2.47 0.11
C ARG A 87 19.63 -3.65 0.99
C ARG A 87 19.66 -3.65 0.98
N THR A 88 19.95 -3.36 2.26
CA THR A 88 20.35 -4.38 3.22
C THR A 88 19.20 -4.77 4.17
N ALA A 89 17.96 -4.56 3.74
CA ALA A 89 16.80 -4.72 4.64
C ALA A 89 16.17 -6.10 4.67
N ARG A 90 16.64 -7.01 3.82
CA ARG A 90 16.15 -8.38 3.86
C ARG A 90 16.93 -9.19 4.89
N THR A 91 16.72 -8.86 6.15
CA THR A 91 17.41 -9.48 7.25
C THR A 91 16.76 -10.83 7.57
N PRO A 92 17.53 -11.78 8.10
CA PRO A 92 16.95 -13.07 8.49
C PRO A 92 15.81 -12.94 9.48
N GLY A 93 15.90 -11.99 10.41
CA GLY A 93 14.83 -11.74 11.37
C GLY A 93 13.51 -11.28 10.76
N SER A 94 13.57 -10.55 9.65
CA SER A 94 12.37 -10.04 8.97
C SER A 94 11.85 -11.01 7.89
N ARG A 95 12.62 -12.05 7.61
CA ARG A 95 12.33 -12.97 6.51
C ARG A 95 10.99 -13.71 6.64
N PRO A 96 10.71 -14.32 7.82
CA PRO A 96 9.41 -14.98 7.96
C PRO A 96 8.21 -14.05 7.81
N LEU A 97 8.36 -12.79 8.24
CA LEU A 97 7.27 -11.81 8.14
C LEU A 97 7.06 -11.31 6.71
N SER A 98 8.12 -11.30 5.91
CA SER A 98 8.00 -11.02 4.48
C SER A 98 7.21 -12.11 3.78
N PHE A 99 7.51 -13.36 4.10
CA PHE A 99 6.74 -14.50 3.60
C PHE A 99 5.27 -14.44 4.06
N LEU A 100 5.05 -14.02 5.31
CA LEU A 100 3.68 -13.87 5.83
C LEU A 100 2.87 -12.83 5.06
N LEU A 101 3.49 -11.68 4.77
CA LEU A 101 2.81 -10.61 4.03
C LEU A 101 2.40 -11.07 2.63
N MET A 102 3.28 -11.83 1.97
CA MET A 102 2.99 -12.32 0.62
C MET A 102 1.89 -13.39 0.63
N LEU A 103 1.83 -14.19 1.70
CA LEU A 103 0.74 -15.15 1.84
C LEU A 103 -0.61 -14.44 2.01
N TYR A 104 -0.67 -13.45 2.91
CA TYR A 104 -1.90 -12.67 3.06
C TYR A 104 -2.27 -11.98 1.75
N ALA A 105 -1.27 -11.40 1.10
CA ALA A 105 -1.47 -10.72 -0.19
C ALA A 105 -2.07 -11.64 -1.26
N GLY A 106 -1.66 -12.91 -1.24
CA GLY A 106 -2.15 -13.90 -2.22
C GLY A 106 -3.64 -14.19 -2.15
N LEU A 107 -4.25 -13.89 -0.99
CA LEU A 107 -5.69 -14.00 -0.83
C LEU A 107 -6.45 -12.88 -1.54
N LEU A 108 -5.76 -11.77 -1.84
CA LEU A 108 -6.38 -10.59 -2.46
C LEU A 108 -6.09 -10.43 -3.96
N GLY A 109 -4.98 -11.00 -4.45
CA GLY A 109 -4.68 -10.89 -5.87
C GLY A 109 -3.27 -11.25 -6.27
N ASP A 110 -2.82 -10.65 -7.37
CA ASP A 110 -1.52 -10.95 -7.98
C ASP A 110 -0.50 -9.91 -7.57
N VAL A 111 0.59 -10.35 -6.96
CA VAL A 111 1.64 -9.43 -6.50
C VAL A 111 2.61 -9.05 -7.61
N PHE A 112 3.18 -7.85 -7.52
CA PHE A 112 4.15 -7.38 -8.50
C PHE A 112 5.01 -6.26 -7.95
N GLY A 113 6.09 -5.97 -8.66
CA GLY A 113 6.99 -4.86 -8.34
C GLY A 113 7.32 -4.03 -9.57
N TRP A 114 8.16 -3.01 -9.36
CA TRP A 114 8.57 -2.09 -10.41
C TRP A 114 10.09 -2.10 -10.56
N ALA A 115 10.57 -2.22 -11.80
CA ALA A 115 12.01 -2.25 -12.07
C ALA A 115 12.73 -1.01 -11.55
N THR A 116 12.05 0.13 -11.55
CA THR A 116 12.65 1.38 -11.10
C THR A 116 12.57 1.62 -9.59
N GLN A 117 11.93 0.71 -8.84
CA GLN A 117 11.74 0.88 -7.39
C GLN A 117 12.38 -0.24 -6.58
N GLN A 118 13.32 0.14 -5.71
CA GLN A 118 14.05 -0.80 -4.87
C GLN A 118 14.47 -2.08 -5.62
N ASP A 119 15.19 -1.87 -6.72
CA ASP A 119 15.82 -2.95 -7.52
C ASP A 119 14.83 -4.00 -8.02
N GLY A 120 13.60 -3.59 -8.30
CA GLY A 120 12.59 -4.50 -8.82
C GLY A 120 12.06 -5.51 -7.83
N ARG A 121 12.22 -5.24 -6.53
CA ARG A 121 11.72 -6.14 -5.49
C ARG A 121 10.20 -6.10 -5.40
N VAL A 122 9.61 -7.24 -5.02
CA VAL A 122 8.16 -7.35 -4.82
C VAL A 122 7.80 -6.99 -3.38
N VAL A 123 8.45 -7.64 -2.42
CA VAL A 123 8.37 -7.22 -1.03
C VAL A 123 9.41 -6.14 -0.81
N THR A 124 8.95 -4.92 -0.58
CA THR A 124 9.82 -3.74 -0.46
C THR A 124 9.82 -3.26 0.99
N ASP A 125 10.65 -2.26 1.30
CA ASP A 125 10.80 -1.78 2.67
C ASP A 125 10.48 -0.31 2.83
N VAL A 126 9.83 0.01 3.94
CA VAL A 126 9.53 1.38 4.35
C VAL A 126 10.25 1.63 5.68
N LEU A 127 11.26 2.49 5.64
CA LEU A 127 12.05 2.82 6.83
C LEU A 127 12.74 4.16 6.62
N PRO A 128 13.02 4.89 7.71
CA PRO A 128 13.68 6.18 7.56
C PRO A 128 15.15 6.04 7.15
N ILE A 129 15.57 6.79 6.13
CA ILE A 129 16.94 6.77 5.66
C ILE A 129 17.60 8.10 5.99
N LYS A 130 18.67 8.03 6.78
CA LYS A 130 19.41 9.21 7.23
C LYS A 130 19.84 10.06 6.05
N GLY A 131 19.56 11.35 6.13
CA GLY A 131 19.85 12.29 5.06
C GLY A 131 18.67 12.51 4.13
N GLY A 132 17.69 11.61 4.15
CA GLY A 132 16.52 11.71 3.30
C GLY A 132 15.24 11.98 4.06
N GLU A 133 15.32 12.81 5.10
CA GLU A 133 14.18 13.10 5.97
C GLU A 133 13.11 13.94 5.28
N HIS A 134 13.55 14.82 4.38
CA HIS A 134 12.66 15.79 3.73
C HIS A 134 12.49 15.49 2.24
N THR A 135 12.32 14.21 1.90
CA THR A 135 12.05 13.79 0.53
C THR A 135 10.57 13.47 0.36
N LEU A 136 10.18 13.13 -0.86
CA LEU A 136 8.80 12.76 -1.19
C LEU A 136 8.62 11.25 -1.33
N VAL A 137 9.53 10.47 -0.74
CA VAL A 137 9.44 9.02 -0.81
C VAL A 137 9.18 8.44 0.58
N SER A 138 8.88 7.15 0.61
CA SER A 138 8.47 6.47 1.84
C SER A 138 9.57 6.39 2.89
N SER A 139 10.82 6.65 2.48
CA SER A 139 11.96 6.70 3.40
C SER A 139 12.16 8.06 4.06
N SER A 140 11.20 8.97 3.87
CA SER A 140 11.17 10.25 4.59
C SER A 140 10.74 10.07 6.04
N SER A 141 10.79 11.16 6.81
CA SER A 141 10.37 11.13 8.21
C SER A 141 9.90 12.49 8.71
N ARG A 142 10.84 13.44 8.84
CA ARG A 142 10.53 14.75 9.44
C ARG A 142 9.52 15.52 8.60
N GLN A 143 9.54 15.31 7.28
CA GLN A 143 8.51 15.82 6.39
C GLN A 143 7.40 14.77 6.22
N GLU A 144 6.16 15.19 6.45
CA GLU A 144 5.01 14.33 6.25
C GLU A 144 5.01 13.80 4.84
N LEU A 145 4.71 12.51 4.66
CA LEU A 145 4.51 11.96 3.33
C LEU A 145 3.07 12.28 2.92
N GLY A 146 2.92 13.24 2.01
CA GLY A 146 1.61 13.72 1.57
C GLY A 146 0.75 12.64 0.96
N TRP A 147 -0.56 12.82 1.04
CA TRP A 147 -1.51 11.81 0.54
C TRP A 147 -1.39 11.62 -0.97
N HIS A 148 -1.61 10.38 -1.41
CA HIS A 148 -1.50 10.02 -2.81
C HIS A 148 -2.07 8.64 -3.14
N THR A 149 -2.49 8.50 -4.40
CA THR A 149 -2.74 7.19 -4.99
C THR A 149 -1.37 6.62 -5.34
N GLU A 150 -1.09 5.40 -4.90
CA GLU A 150 0.17 4.74 -5.22
C GLU A 150 0.38 4.64 -6.73
N ASP A 151 1.52 5.13 -7.20
CA ASP A 151 1.88 5.11 -8.63
C ASP A 151 0.79 5.70 -9.51
N ALA A 152 0.28 6.85 -9.11
CA ALA A 152 -0.80 7.53 -9.83
C ALA A 152 -0.46 7.78 -11.30
N PHE A 153 0.82 8.01 -11.59
CA PHE A 153 1.28 8.25 -12.96
C PHE A 153 0.97 7.11 -13.95
N SER A 154 0.89 5.88 -13.44
CA SER A 154 0.78 4.70 -14.29
C SER A 154 -0.60 4.06 -14.30
N PRO A 155 -1.04 3.56 -15.47
CA PRO A 155 -2.25 2.74 -15.54
C PRO A 155 -2.07 1.32 -14.99
N TYR A 156 -0.84 0.94 -14.65
CA TYR A 156 -0.55 -0.39 -14.12
C TYR A 156 -0.44 -0.40 -12.60
N ARG A 157 -0.83 0.70 -11.97
CA ARG A 157 -0.75 0.84 -10.51
C ARG A 157 -1.61 -0.21 -9.79
N ALA A 158 -1.19 -0.54 -8.57
CA ALA A 158 -1.84 -1.57 -7.77
C ALA A 158 -3.30 -1.25 -7.45
N ASP A 159 -4.08 -2.31 -7.23
CA ASP A 159 -5.43 -2.19 -6.69
C ASP A 159 -5.36 -2.12 -5.16
N TYR A 160 -4.43 -2.87 -4.58
CA TYR A 160 -4.19 -2.85 -3.14
C TYR A 160 -2.73 -2.63 -2.83
N VAL A 161 -2.46 -1.82 -1.81
CA VAL A 161 -1.12 -1.67 -1.25
C VAL A 161 -1.13 -2.26 0.16
N GLY A 162 -0.29 -3.27 0.37
CA GLY A 162 -0.18 -3.96 1.65
C GLY A 162 0.95 -3.41 2.48
N LEU A 163 0.69 -3.22 3.77
CA LEU A 163 1.69 -2.70 4.71
C LEU A 163 1.67 -3.55 5.97
N LEU A 164 2.80 -4.17 6.29
CA LEU A 164 2.95 -4.95 7.51
C LEU A 164 3.96 -4.22 8.39
N SER A 165 3.51 -3.82 9.58
CA SER A 165 4.34 -3.10 10.54
C SER A 165 5.23 -4.06 11.31
N LEU A 166 6.53 -4.02 11.05
CA LEU A 166 7.51 -4.84 11.78
C LEU A 166 7.82 -4.21 13.13
N ARG A 167 7.91 -2.88 13.16
CA ARG A 167 7.90 -2.14 14.41
C ARG A 167 7.45 -0.70 14.18
N ASN A 168 6.91 -0.12 15.25
CA ASN A 168 6.36 1.23 15.25
C ASN A 168 6.17 1.65 16.70
N PRO A 169 7.28 1.75 17.45
CA PRO A 169 7.24 1.95 18.91
C PRO A 169 6.57 3.26 19.33
N ASP A 170 6.69 4.30 18.50
CA ASP A 170 6.15 5.62 18.81
C ASP A 170 4.76 5.86 18.18
N GLY A 171 4.18 4.83 17.58
CA GLY A 171 2.81 4.88 17.08
C GLY A 171 2.58 5.92 15.99
N VAL A 172 3.50 6.01 15.04
CA VAL A 172 3.39 6.97 13.94
C VAL A 172 2.25 6.55 13.03
N ALA A 173 1.33 7.49 12.74
CA ALA A 173 0.10 7.18 12.01
C ALA A 173 0.26 7.19 10.49
N THR A 174 -0.32 6.18 9.84
CA THR A 174 -0.56 6.20 8.41
C THR A 174 -1.81 7.06 8.23
N THR A 175 -1.83 7.87 7.16
CA THR A 175 -3.00 8.69 6.84
C THR A 175 -3.79 8.09 5.70
N LEU A 176 -5.11 8.35 5.70
CA LEU A 176 -6.03 7.84 4.69
C LEU A 176 -7.16 8.84 4.45
N ALA A 177 -7.67 8.83 3.23
CA ALA A 177 -8.85 9.61 2.86
C ALA A 177 -9.52 8.97 1.65
N GLY A 178 -10.85 8.87 1.69
CA GLY A 178 -11.62 8.44 0.54
C GLY A 178 -11.98 9.60 -0.37
N VAL A 179 -12.81 9.32 -1.38
CA VAL A 179 -13.39 10.37 -2.20
C VAL A 179 -14.37 11.17 -1.32
N PRO A 180 -14.19 12.51 -1.25
CA PRO A 180 -15.07 13.31 -0.41
C PRO A 180 -16.43 13.54 -1.08
N LEU A 181 -17.20 12.46 -1.20
CA LEU A 181 -18.45 12.47 -1.96
C LEU A 181 -19.56 13.26 -1.26
N ASP A 182 -19.47 13.40 0.07
CA ASP A 182 -20.43 14.18 0.84
C ASP A 182 -20.34 15.70 0.60
N ASP A 183 -19.24 16.16 -0.01
CA ASP A 183 -19.02 17.61 -0.21
C ASP A 183 -18.76 18.06 -1.64
N LEU A 184 -18.42 17.13 -2.55
CA LEU A 184 -18.17 17.48 -3.95
C LEU A 184 -19.46 17.76 -4.71
N ASP A 185 -19.61 18.99 -5.21
CA ASP A 185 -20.77 19.34 -6.03
C ASP A 185 -20.67 18.67 -7.40
N GLU A 186 -21.80 18.62 -8.12
CA GLU A 186 -21.88 17.83 -9.34
C GLU A 186 -21.07 18.41 -10.51
N ARG A 187 -20.93 19.74 -10.54
CA ARG A 187 -20.13 20.39 -11.56
CA ARG A 187 -20.12 20.41 -11.56
C ARG A 187 -18.65 20.03 -11.38
N THR A 188 -18.15 20.22 -10.16
CA THR A 188 -16.78 19.83 -9.82
C THR A 188 -16.55 18.35 -10.10
N LEU A 189 -17.53 17.53 -9.69
CA LEU A 189 -17.51 16.10 -9.93
C LEU A 189 -17.37 15.81 -11.44
N ASP A 190 -18.22 16.45 -12.25
CA ASP A 190 -18.18 16.31 -13.71
C ASP A 190 -16.79 16.59 -14.29
N VAL A 191 -16.17 17.68 -13.82
CA VAL A 191 -14.87 18.09 -14.30
C VAL A 191 -13.78 17.09 -13.88
N LEU A 192 -13.87 16.59 -12.65
CA LEU A 192 -12.91 15.58 -12.16
C LEU A 192 -12.99 14.26 -12.94
N PHE A 193 -14.15 13.97 -13.53
CA PHE A 193 -14.33 12.79 -14.38
C PHE A 193 -13.77 12.96 -15.80
N GLN A 194 -13.41 14.19 -16.18
CA GLN A 194 -12.92 14.46 -17.53
C GLN A 194 -11.39 14.41 -17.58
N GLU A 195 -10.87 14.06 -18.76
CA GLU A 195 -9.43 13.89 -18.95
C GLU A 195 -8.75 15.26 -19.09
N ARG A 196 -8.55 15.92 -17.96
CA ARG A 196 -8.09 17.30 -17.94
C ARG A 196 -7.02 17.56 -16.86
N PHE A 197 -6.30 16.50 -16.48
CA PHE A 197 -5.32 16.55 -15.39
C PHE A 197 -4.02 15.86 -15.78
N LEU A 198 -2.93 16.28 -15.15
CA LEU A 198 -1.60 15.71 -15.38
C LEU A 198 -1.09 15.05 -14.12
N ILE A 199 -0.38 13.94 -14.27
CA ILE A 199 0.03 13.11 -13.13
C ILE A 199 1.26 12.26 -13.47
N PRO A 230 3.46 14.02 -20.71
CA PRO A 230 2.38 13.23 -20.14
C PRO A 230 1.01 13.67 -20.69
N GLU A 231 0.27 12.72 -21.26
CA GLU A 231 -1.05 13.01 -21.80
C GLU A 231 -2.08 13.24 -20.67
N PRO A 232 -3.08 14.10 -20.90
CA PRO A 232 -4.09 14.34 -19.87
C PRO A 232 -4.88 13.09 -19.48
N VAL A 233 -5.25 13.00 -18.20
CA VAL A 233 -6.04 11.89 -17.69
C VAL A 233 -7.08 12.41 -16.69
N ALA A 234 -7.98 11.52 -16.28
CA ALA A 234 -9.02 11.87 -15.31
C ALA A 234 -8.55 11.57 -13.90
N ILE A 235 -9.16 12.25 -12.93
CA ILE A 235 -8.93 11.94 -11.51
C ILE A 235 -9.97 10.93 -11.00
N LEU A 236 -11.22 11.10 -11.40
CA LEU A 236 -12.29 10.17 -11.02
C LEU A 236 -12.73 9.32 -12.21
N THR A 237 -13.05 8.06 -11.93
CA THR A 237 -13.55 7.13 -12.95
C THR A 237 -14.65 6.26 -12.35
N GLY A 238 -15.43 5.64 -13.23
CA GLY A 238 -16.46 4.67 -12.84
C GLY A 238 -17.76 5.28 -12.37
N HIS A 239 -18.32 4.70 -11.31
CA HIS A 239 -19.65 5.06 -10.80
C HIS A 239 -19.62 6.41 -10.10
N ARG A 240 -20.54 7.30 -10.47
CA ARG A 240 -20.58 8.63 -9.86
C ARG A 240 -20.99 8.61 -8.40
N ALA A 241 -21.78 7.61 -8.00
CA ALA A 241 -22.14 7.45 -6.59
C ALA A 241 -21.07 6.70 -5.78
N ALA A 242 -20.04 6.21 -6.45
CA ALA A 242 -18.89 5.57 -5.78
C ALA A 242 -17.67 5.57 -6.71
N PRO A 243 -17.06 6.75 -6.92
CA PRO A 243 -15.99 6.86 -7.92
C PRO A 243 -14.68 6.24 -7.46
N HIS A 244 -13.87 5.78 -8.42
CA HIS A 244 -12.50 5.41 -8.13
C HIS A 244 -11.61 6.64 -8.30
N LEU A 245 -10.46 6.63 -7.65
CA LEU A 245 -9.66 7.83 -7.45
C LEU A 245 -8.23 7.65 -7.94
N ARG A 246 -7.73 8.66 -8.63
CA ARG A 246 -6.36 8.68 -9.16
C ARG A 246 -5.80 10.09 -9.00
N VAL A 247 -5.04 10.32 -7.93
CA VAL A 247 -4.57 11.66 -7.61
C VAL A 247 -3.32 11.59 -6.74
N ASP A 248 -2.50 12.64 -6.82
CA ASP A 248 -1.32 12.76 -5.97
C ASP A 248 -1.25 14.20 -5.48
N GLY A 249 -1.31 14.37 -4.17
CA GLY A 249 -1.31 15.69 -3.54
C GLY A 249 -0.17 16.59 -3.98
N ASP A 250 0.99 16.03 -4.24
CA ASP A 250 2.15 16.81 -4.65
C ASP A 250 2.30 16.90 -6.17
N PHE A 251 2.05 15.80 -6.87
CA PHE A 251 2.39 15.69 -8.30
C PHE A 251 1.25 15.98 -9.27
N SER A 252 0.00 16.00 -8.80
CA SER A 252 -1.13 16.30 -9.67
C SER A 252 -1.12 17.77 -10.10
N ALA A 253 -1.60 18.01 -11.33
CA ALA A 253 -1.71 19.36 -11.87
C ALA A 253 -2.82 19.41 -12.93
N PRO A 254 -3.40 20.60 -13.16
CA PRO A 254 -4.35 20.72 -14.25
C PRO A 254 -3.63 20.69 -15.59
N ALA A 255 -4.36 20.36 -16.66
CA ALA A 255 -3.82 20.52 -18.00
C ALA A 255 -3.48 22.00 -18.20
N GLU A 256 -2.41 22.27 -18.95
CA GLU A 256 -1.92 23.65 -19.10
C GLU A 256 -3.03 24.63 -19.48
N GLY A 257 -3.21 25.66 -18.65
CA GLY A 257 -4.19 26.71 -18.92
C GLY A 257 -5.64 26.40 -18.59
N ASP A 258 -5.92 25.19 -18.14
CA ASP A 258 -7.29 24.76 -17.85
C ASP A 258 -7.68 25.19 -16.43
N GLU A 259 -8.31 26.35 -16.33
CA GLU A 259 -8.64 26.94 -15.01
C GLU A 259 -9.84 26.28 -14.33
N GLU A 260 -10.74 25.69 -15.10
CA GLU A 260 -11.86 24.94 -14.53
C GLU A 260 -11.38 23.61 -13.92
N ALA A 261 -10.48 22.94 -14.63
CA ALA A 261 -9.84 21.72 -14.11
C ALA A 261 -9.04 22.06 -12.85
N ALA A 262 -8.29 23.16 -12.93
CA ALA A 262 -7.54 23.67 -11.80
C ALA A 262 -8.40 23.87 -10.55
N ALA A 263 -9.54 24.55 -10.70
CA ALA A 263 -10.42 24.85 -9.57
C ALA A 263 -11.02 23.58 -8.96
N ALA A 264 -11.31 22.60 -9.82
CA ALA A 264 -11.83 21.32 -9.35
C ALA A 264 -10.77 20.58 -8.50
N LEU A 265 -9.52 20.60 -8.97
CA LEU A 265 -8.41 19.98 -8.24
C LEU A 265 -8.10 20.73 -6.94
N GLY A 266 -8.17 22.05 -6.99
CA GLY A 266 -8.00 22.86 -5.78
C GLY A 266 -9.04 22.51 -4.72
N THR A 267 -10.29 22.42 -5.15
CA THR A 267 -11.38 22.03 -4.25
C THR A 267 -11.18 20.62 -3.68
N LEU A 268 -10.72 19.70 -4.54
CA LEU A 268 -10.49 18.32 -4.11
C LEU A 268 -9.39 18.26 -3.05
N ARG A 269 -8.31 19.01 -3.26
CA ARG A 269 -7.22 19.10 -2.29
C ARG A 269 -7.73 19.50 -0.91
N LYS A 270 -8.51 20.58 -0.85
CA LYS A 270 -8.96 21.10 0.43
C LYS A 270 -9.94 20.13 1.09
N LEU A 271 -10.77 19.46 0.28
CA LEU A 271 -11.71 18.48 0.82
C LEU A 271 -11.01 17.20 1.32
N ILE A 272 -9.99 16.75 0.58
CA ILE A 272 -9.19 15.60 1.04
C ILE A 272 -8.38 15.96 2.28
N ASP A 273 -7.74 17.14 2.28
CA ASP A 273 -7.02 17.63 3.45
C ASP A 273 -7.89 17.64 4.71
N ALA A 274 -9.16 18.02 4.57
CA ALA A 274 -10.06 18.18 5.72
C ALA A 274 -10.66 16.86 6.22
N SER A 275 -10.77 15.86 5.35
CA SER A 275 -11.33 14.56 5.73
C SER A 275 -10.26 13.49 6.02
N LEU A 276 -8.98 13.87 5.87
CA LEU A 276 -7.86 12.95 6.12
C LEU A 276 -7.87 12.45 7.57
N TYR A 277 -7.81 11.14 7.77
CA TYR A 277 -7.85 10.56 9.11
C TYR A 277 -6.65 9.63 9.33
N GLU A 278 -6.50 9.13 10.56
CA GLU A 278 -5.31 8.40 10.97
C GLU A 278 -5.56 6.91 11.23
N LEU A 279 -4.59 6.09 10.82
CA LEU A 279 -4.58 4.67 11.08
C LEU A 279 -3.19 4.34 11.61
N VAL A 280 -3.11 3.85 12.84
CA VAL A 280 -1.83 3.50 13.45
C VAL A 280 -1.63 1.99 13.31
N LEU A 281 -0.62 1.61 12.53
CA LEU A 281 -0.23 0.21 12.40
C LEU A 281 0.81 -0.12 13.47
N ASP A 282 0.36 -0.77 14.53
CA ASP A 282 1.23 -1.19 15.62
C ASP A 282 1.99 -2.42 15.17
N GLN A 283 3.07 -2.74 15.87
CA GLN A 283 3.85 -3.94 15.58
C GLN A 283 2.92 -5.13 15.34
N GLY A 284 3.05 -5.76 14.18
CA GLY A 284 2.23 -6.94 13.84
C GLY A 284 0.93 -6.66 13.09
N ASP A 285 0.59 -5.39 12.88
CA ASP A 285 -0.62 -5.04 12.15
C ASP A 285 -0.34 -5.03 10.66
N VAL A 286 -1.29 -5.54 9.87
CA VAL A 286 -1.22 -5.52 8.42
C VAL A 286 -2.42 -4.75 7.88
N ALA A 287 -2.17 -3.85 6.93
CA ALA A 287 -3.25 -3.13 6.26
C ALA A 287 -3.13 -3.31 4.77
N PHE A 288 -4.27 -3.57 4.11
CA PHE A 288 -4.34 -3.62 2.67
C PHE A 288 -5.22 -2.46 2.20
N ILE A 289 -4.57 -1.39 1.77
CA ILE A 289 -5.26 -0.16 1.41
C ILE A 289 -5.82 -0.28 0.01
N ASP A 290 -7.09 0.06 -0.13
CA ASP A 290 -7.76 0.03 -1.43
C ASP A 290 -7.28 1.25 -2.22
N ASN A 291 -6.40 1.00 -3.19
CA ASN A 291 -5.77 2.08 -3.96
C ASN A 291 -6.69 2.77 -4.98
N ARG A 292 -7.89 2.24 -5.18
N ARG A 292 -7.87 2.22 -5.19
CA ARG A 292 -8.88 2.88 -6.02
CA ARG A 292 -8.90 2.85 -6.03
C ARG A 292 -9.88 3.72 -5.22
C ARG A 292 -9.87 3.72 -5.22
N ARG A 293 -10.17 3.33 -3.99
CA ARG A 293 -11.12 4.06 -3.14
C ARG A 293 -10.47 5.16 -2.30
N ALA A 294 -9.19 4.99 -1.97
CA ALA A 294 -8.55 5.87 -1.00
C ALA A 294 -7.16 6.30 -1.45
N VAL A 295 -6.76 7.49 -0.97
CA VAL A 295 -5.37 7.91 -1.02
C VAL A 295 -4.79 7.67 0.37
N HIS A 296 -3.47 7.65 0.47
CA HIS A 296 -2.82 7.48 1.76
C HIS A 296 -1.48 8.20 1.85
N GLY A 297 -1.01 8.36 3.09
CA GLY A 297 0.28 8.96 3.36
C GLY A 297 0.78 8.52 4.72
N ARG A 298 1.66 9.33 5.29
CA ARG A 298 2.23 9.05 6.62
C ARG A 298 2.58 10.36 7.30
N ARG A 299 2.19 10.49 8.57
CA ARG A 299 2.49 11.69 9.34
C ARG A 299 3.97 11.91 9.51
N ALA A 300 4.36 13.18 9.65
CA ALA A 300 5.73 13.53 9.98
C ALA A 300 6.08 12.93 11.33
N PHE A 301 7.31 12.45 11.45
CA PHE A 301 7.83 11.95 12.73
C PHE A 301 9.33 12.20 12.83
N GLN A 302 9.81 12.28 14.06
CA GLN A 302 11.24 12.44 14.32
C GLN A 302 11.91 11.07 14.30
N PRO A 303 12.80 10.81 13.33
CA PRO A 303 13.45 9.51 13.30
C PRO A 303 14.43 9.35 14.47
N ARG A 304 14.61 8.10 14.88
CA ARG A 304 15.51 7.77 15.99
C ARG A 304 16.94 7.54 15.53
N TYR A 305 17.10 6.73 14.48
CA TYR A 305 18.41 6.25 13.98
C TYR A 305 19.25 5.52 15.04
N ASP A 306 18.57 4.82 15.94
CA ASP A 306 19.22 4.09 17.03
C ASP A 306 19.07 2.58 16.90
N GLY A 307 18.51 2.13 15.77
CA GLY A 307 18.28 0.70 15.55
C GLY A 307 16.86 0.22 15.77
N ARG A 308 15.99 1.06 16.33
CA ARG A 308 14.59 0.69 16.56
C ARG A 308 13.58 1.62 15.86
N ASP A 309 13.99 2.22 14.75
CA ASP A 309 13.08 3.04 13.94
C ASP A 309 11.92 2.22 13.39
N ARG A 310 10.82 2.93 13.16
CA ARG A 310 9.63 2.40 12.48
C ARG A 310 10.02 1.74 11.17
N TRP A 311 9.46 0.57 10.92
CA TRP A 311 9.84 -0.27 9.78
C TRP A 311 8.62 -1.08 9.32
N LEU A 312 8.28 -0.94 8.04
CA LEU A 312 7.21 -1.73 7.44
C LEU A 312 7.75 -2.51 6.24
N LYS A 313 7.17 -3.69 6.00
CA LYS A 313 7.30 -4.38 4.72
C LYS A 313 6.08 -3.99 3.87
N ARG A 314 6.26 -4.01 2.56
CA ARG A 314 5.28 -3.43 1.63
C ARG A 314 5.16 -4.26 0.37
N ILE A 315 3.98 -4.24 -0.24
CA ILE A 315 3.75 -5.03 -1.45
C ILE A 315 2.59 -4.47 -2.29
N ASN A 316 2.78 -4.45 -3.60
CA ASN A 316 1.76 -4.04 -4.55
C ASN A 316 0.96 -5.24 -5.00
N ILE A 317 -0.36 -5.10 -5.05
CA ILE A 317 -1.26 -6.17 -5.48
C ILE A 317 -2.25 -5.65 -6.52
N THR A 318 -2.44 -6.43 -7.58
CA THR A 318 -3.47 -6.16 -8.58
C THR A 318 -4.43 -7.33 -8.63
N ARG A 319 -5.71 -7.03 -8.88
CA ARG A 319 -6.71 -8.06 -9.12
C ARG A 319 -6.47 -8.77 -10.45
N ASP A 320 -5.70 -8.17 -11.36
CA ASP A 320 -5.45 -8.76 -12.67
C ASP A 320 -4.10 -8.35 -13.25
N LEU A 321 -3.13 -9.26 -13.15
CA LEU A 321 -1.77 -9.03 -13.64
C LEU A 321 -1.73 -8.72 -15.14
N HIS A 322 -2.65 -9.31 -15.91
CA HIS A 322 -2.66 -9.16 -17.37
C HIS A 322 -3.01 -7.74 -17.84
N ARG A 323 -3.62 -6.95 -16.96
CA ARG A 323 -3.85 -5.53 -17.23
C ARG A 323 -2.55 -4.79 -17.58
N SER A 324 -1.44 -5.21 -16.99
CA SER A 324 -0.15 -4.55 -17.18
C SER A 324 0.82 -5.33 -18.08
N ARG A 325 0.29 -6.15 -18.98
CA ARG A 325 1.15 -7.02 -19.81
C ARG A 325 2.12 -6.24 -20.72
N LYS A 326 1.77 -5.01 -21.06
CA LYS A 326 2.69 -4.07 -21.72
C LYS A 326 4.01 -3.94 -20.98
N ALA A 327 3.92 -3.68 -19.68
CA ALA A 327 5.08 -3.36 -18.84
C ALA A 327 5.88 -4.59 -18.38
N TRP A 328 5.38 -5.80 -18.68
CA TRP A 328 6.10 -7.02 -18.35
C TRP A 328 7.51 -6.99 -18.95
N ALA A 329 8.52 -6.99 -18.09
CA ALA A 329 9.93 -7.00 -18.51
C ALA A 329 10.22 -8.23 -19.37
N GLY A 330 9.78 -9.39 -18.89
CA GLY A 330 9.88 -10.63 -19.64
C GLY A 330 8.94 -11.68 -19.06
N ASP A 331 9.52 -12.65 -18.36
CA ASP A 331 8.75 -13.68 -17.66
C ASP A 331 8.55 -13.31 -16.19
N SER A 332 9.27 -12.26 -15.73
CA SER A 332 9.23 -11.84 -14.34
C SER A 332 7.93 -11.14 -13.94
N ARG A 333 7.82 -10.80 -12.66
CA ARG A 333 6.70 -10.03 -12.13
C ARG A 333 7.16 -8.60 -11.80
N VAL A 334 7.97 -8.02 -12.68
CA VAL A 334 8.59 -6.72 -12.47
C VAL A 334 8.27 -5.82 -13.67
N LEU A 335 7.54 -4.73 -13.41
CA LEU A 335 7.08 -3.85 -14.47
C LEU A 335 8.18 -2.89 -14.94
N GLY A 336 8.19 -2.58 -16.23
CA GLY A 336 9.13 -1.61 -16.80
C GLY A 336 8.72 -1.12 -18.19
N GLN A 337 7.97 -0.02 -18.24
CA GLN A 337 7.61 0.62 -19.51
C GLN A 337 8.59 1.75 -19.85
N ARG A 338 8.44 2.32 -21.05
CA ARG A 338 9.28 3.42 -21.52
C ARG A 338 8.47 4.70 -21.65
#